data_3VJJ
#
_entry.id   3VJJ
#
_cell.length_a   127.284
_cell.length_b   127.284
_cell.length_c   143.227
_cell.angle_alpha   90.00
_cell.angle_beta   90.00
_cell.angle_gamma   90.00
#
_symmetry.space_group_name_H-M   'P 4 21 2'
#
_entity_poly.entity_id   1
_entity_poly.type   'polypeptide(L)'
_entity_poly.pdbx_seq_one_letter_code
;MSYYHHHHHHLGSTSLYKKAGMADQERRTFGSYKIEELTIKNDQPNRNTNSSTSQSTENRLSTKKIPLLDDGIFELLNYL
IDGTNFDKTCYCGFNYSHLPNLERDFNVASIYVRENFELCTENLDLKDYDRQANISVKSPDFTLLLEYTLKPSSETDPTI
PENEKEENSKPVTPKVVTPKEEKKTVEMSLLPILNRESEESLSSEILEGEAAVVNVFKMYIKGFLMYLGENPNSYDRQLN
IEKYRPLLISIIGYEHLIGTRVPNKEVNHIFYQLATFDNYPFDLLRFQLSSLISTPALIREKIAKEGLFKIITSNTLRGA
SRQTVLFRGINGSESFLNIKRYRKFKTRIVGNVDCVIKSDFSSLKLDV
;
_entity_poly.pdbx_strand_id   A,B
#
# COMPACT_ATOMS: atom_id res chain seq x y z
N GLN A 25 16.69 -26.86 5.65
CA GLN A 25 16.63 -25.44 5.99
C GLN A 25 17.72 -25.06 6.99
N GLU A 26 18.23 -23.82 6.89
CA GLU A 26 19.32 -23.37 7.76
C GLU A 26 19.07 -22.01 8.44
N ARG A 27 20.13 -21.50 9.09
CA ARG A 27 20.02 -20.39 10.04
C ARG A 27 19.22 -19.18 9.53
N ARG A 28 18.33 -18.68 10.38
CA ARG A 28 17.55 -17.49 10.08
C ARG A 28 17.37 -16.66 11.34
N THR A 29 17.41 -15.33 11.21
CA THR A 29 17.30 -14.50 12.40
C THR A 29 15.84 -14.23 12.71
N PHE A 30 15.55 -14.21 14.01
CA PHE A 30 14.18 -14.17 14.46
C PHE A 30 13.51 -12.94 13.82
N GLY A 31 12.41 -13.17 13.09
CA GLY A 31 11.59 -12.09 12.55
C GLY A 31 11.88 -11.80 11.09
N SER A 32 12.99 -12.34 10.64
CA SER A 32 13.45 -12.11 9.28
C SER A 32 12.54 -12.76 8.26
N TYR A 33 12.51 -12.18 7.07
CA TYR A 33 11.73 -12.72 5.98
C TYR A 33 12.69 -13.10 4.85
N LYS A 34 12.22 -13.96 3.95
CA LYS A 34 12.94 -14.22 2.72
C LYS A 34 12.00 -13.96 1.57
N ILE A 35 12.52 -13.34 0.53
CA ILE A 35 11.74 -13.08 -0.65
C ILE A 35 12.21 -13.94 -1.78
N GLU A 36 11.28 -14.57 -2.47
CA GLU A 36 11.66 -15.49 -3.54
C GLU A 36 11.20 -14.92 -4.83
N GLU A 37 12.06 -14.99 -5.84
CA GLU A 37 11.69 -14.52 -7.14
C GLU A 37 10.98 -15.65 -7.85
N LEU A 38 9.73 -15.39 -8.23
CA LEU A 38 8.97 -16.32 -9.04
C LEU A 38 9.02 -15.85 -10.48
N THR A 39 9.02 -16.76 -11.44
CA THR A 39 8.84 -16.35 -12.85
C THR A 39 7.67 -17.09 -13.54
N ILE A 40 6.72 -16.34 -14.15
CA ILE A 40 5.54 -16.97 -14.77
C ILE A 40 5.26 -16.56 -16.25
N LYS A 41 4.94 -15.43 -16.62
CA LYS A 41 5.03 -14.97 -18.01
C LYS A 41 5.90 -13.75 -17.82
N THR A 63 5.71 -12.97 -16.27
CA THR A 63 6.30 -11.85 -15.51
C THR A 63 7.22 -12.40 -14.41
N LYS A 64 7.68 -11.53 -13.50
CA LYS A 64 8.21 -12.03 -12.24
C LYS A 64 7.38 -11.59 -11.05
N LYS A 65 6.63 -12.55 -10.49
CA LYS A 65 5.86 -12.39 -9.26
C LYS A 65 6.82 -12.56 -8.08
N ILE A 66 6.31 -12.54 -6.86
CA ILE A 66 7.22 -12.72 -5.76
C ILE A 66 6.50 -13.16 -4.53
N PRO A 67 6.79 -14.40 -4.09
CA PRO A 67 6.30 -14.88 -2.79
C PRO A 67 7.13 -14.31 -1.65
N LEU A 68 6.43 -13.87 -0.60
CA LEU A 68 7.03 -13.36 0.64
C LEU A 68 7.23 -14.50 1.63
N LEU A 69 7.15 -15.73 1.16
CA LEU A 69 6.72 -16.88 1.97
C LEU A 69 7.12 -16.83 3.46
N ASP A 70 8.29 -16.30 3.78
CA ASP A 70 8.58 -16.00 5.17
C ASP A 70 8.87 -14.52 5.37
N ASP A 71 8.08 -13.82 6.20
CA ASP A 71 6.80 -14.31 6.74
C ASP A 71 7.06 -15.60 7.49
N GLY A 72 8.12 -15.62 8.29
CA GLY A 72 8.57 -16.87 8.85
C GLY A 72 7.54 -17.37 9.84
N ILE A 73 6.37 -16.72 9.77
CA ILE A 73 5.25 -16.89 10.69
C ILE A 73 4.70 -18.31 10.86
N PHE A 74 4.29 -18.95 9.77
CA PHE A 74 3.81 -20.31 9.92
C PHE A 74 4.87 -21.17 10.61
N GLU A 75 6.11 -21.08 10.13
CA GLU A 75 7.22 -21.81 10.74
C GLU A 75 7.25 -21.61 12.26
N LEU A 76 7.12 -20.34 12.66
CA LEU A 76 7.10 -19.97 14.09
C LEU A 76 5.98 -20.69 14.85
N LEU A 77 4.73 -20.43 14.47
CA LEU A 77 3.60 -21.14 15.10
C LEU A 77 3.90 -22.62 15.20
N ASN A 78 4.33 -23.20 14.09
CA ASN A 78 4.56 -24.63 14.04
C ASN A 78 5.51 -25.03 15.12
N TYR A 79 6.60 -24.28 15.25
CA TYR A 79 7.57 -24.55 16.30
C TYR A 79 6.87 -24.56 17.65
N LEU A 80 6.07 -23.53 17.88
CA LEU A 80 5.40 -23.36 19.17
C LEU A 80 4.50 -24.53 19.54
N ILE A 81 3.64 -24.92 18.61
CA ILE A 81 2.82 -26.11 18.80
C ILE A 81 3.66 -27.38 19.03
N ASP A 82 4.75 -27.49 18.28
CA ASP A 82 5.64 -28.64 18.41
C ASP A 82 6.31 -28.62 19.76
N GLY A 83 6.21 -27.51 20.47
CA GLY A 83 6.82 -27.36 21.78
C GLY A 83 8.32 -27.26 21.70
N THR A 84 8.87 -27.23 20.48
CA THR A 84 10.32 -27.31 20.28
C THR A 84 11.08 -26.24 21.09
N ASN A 85 12.23 -26.61 21.65
CA ASN A 85 13.04 -25.64 22.37
C ASN A 85 13.74 -24.71 21.41
N PHE A 86 14.09 -23.52 21.91
CA PHE A 86 14.65 -22.46 21.07
C PHE A 86 15.95 -22.86 20.37
N ASP A 87 16.86 -23.46 21.14
CA ASP A 87 18.14 -23.92 20.61
C ASP A 87 17.99 -25.04 19.58
N LYS A 88 16.77 -25.56 19.43
CA LYS A 88 16.43 -26.53 18.40
C LYS A 88 15.82 -25.90 17.14
N THR A 89 15.81 -24.56 17.07
CA THR A 89 15.17 -23.84 15.97
C THR A 89 16.18 -23.06 15.11
N CYS A 90 15.80 -22.73 13.88
CA CYS A 90 16.69 -21.92 13.03
C CYS A 90 17.22 -20.67 13.71
N TYR A 91 16.41 -20.05 14.56
CA TYR A 91 16.76 -18.77 15.15
C TYR A 91 18.01 -18.85 16.01
N CYS A 92 18.50 -20.08 16.24
CA CYS A 92 19.58 -20.30 17.24
C CYS A 92 20.93 -19.64 16.90
N GLY A 93 21.45 -18.88 17.87
CA GLY A 93 22.80 -18.36 17.82
C GLY A 93 23.11 -17.22 16.89
N PHE A 94 22.30 -16.16 16.93
CA PHE A 94 22.59 -14.94 16.19
C PHE A 94 23.04 -13.87 17.16
N ASN A 95 23.22 -12.66 16.63
CA ASN A 95 23.70 -11.51 17.40
C ASN A 95 23.00 -11.48 18.76
N TYR A 96 21.69 -11.19 18.75
CA TYR A 96 20.89 -11.32 19.96
C TYR A 96 21.58 -10.70 21.19
N SER A 97 21.40 -9.40 21.38
CA SER A 97 20.20 -8.78 20.87
C SER A 97 20.04 -7.32 21.27
N HIS A 98 19.18 -6.66 20.50
CA HIS A 98 18.40 -5.52 20.93
C HIS A 98 17.03 -6.10 21.30
N LEU A 99 17.02 -7.43 21.36
CA LEU A 99 15.90 -8.25 21.85
C LEU A 99 16.29 -8.97 23.14
N PRO A 100 16.20 -8.29 24.28
CA PRO A 100 16.69 -8.93 25.52
C PRO A 100 15.95 -10.21 25.90
N ASN A 101 16.73 -11.27 26.13
CA ASN A 101 16.19 -12.58 26.49
C ASN A 101 14.98 -13.00 25.66
N LEU A 102 15.30 -13.26 24.39
CA LEU A 102 14.36 -13.87 23.47
C LEU A 102 14.26 -15.34 23.83
N GLU A 103 15.40 -15.98 24.04
CA GLU A 103 15.40 -17.42 24.31
C GLU A 103 14.44 -17.82 25.44
N ARG A 104 14.53 -17.17 26.59
CA ARG A 104 13.69 -17.64 27.70
C ARG A 104 12.21 -17.48 27.34
N ASP A 105 11.82 -16.24 27.07
CA ASP A 105 10.43 -15.93 26.74
C ASP A 105 9.90 -16.87 25.66
N PHE A 106 10.73 -17.15 24.68
CA PHE A 106 10.33 -18.10 23.64
C PHE A 106 10.03 -19.45 24.30
N ASN A 107 11.01 -20.00 25.01
CA ASN A 107 10.87 -21.32 25.63
C ASN A 107 9.61 -21.46 26.50
N VAL A 108 9.40 -20.50 27.40
CA VAL A 108 8.13 -20.38 28.10
C VAL A 108 6.92 -20.42 27.15
N ALA A 109 6.86 -19.47 26.21
CA ALA A 109 5.73 -19.36 25.30
C ALA A 109 5.50 -20.68 24.59
N SER A 110 6.59 -21.42 24.38
CA SER A 110 6.60 -22.67 23.63
C SER A 110 5.99 -23.79 24.45
N ILE A 111 6.40 -23.86 25.71
CA ILE A 111 5.88 -24.87 26.62
C ILE A 111 4.40 -24.63 26.83
N TYR A 112 4.06 -23.37 27.07
CA TYR A 112 2.66 -22.97 27.26
C TYR A 112 1.81 -23.36 26.06
N VAL A 113 2.22 -22.91 24.86
CA VAL A 113 1.44 -23.24 23.66
C VAL A 113 1.27 -24.75 23.54
N ARG A 114 2.38 -25.48 23.63
CA ARG A 114 2.37 -26.93 23.46
C ARG A 114 1.45 -27.64 24.47
N GLU A 115 1.52 -27.20 25.72
CA GLU A 115 0.63 -27.70 26.75
C GLU A 115 -0.81 -27.47 26.32
N ASN A 116 -1.12 -26.24 25.93
CA ASN A 116 -2.43 -25.93 25.38
C ASN A 116 -2.87 -26.95 24.32
N PHE A 117 -1.97 -27.27 23.39
CA PHE A 117 -2.25 -28.25 22.36
C PHE A 117 -2.66 -29.59 22.96
N GLU A 118 -1.79 -30.13 23.81
CA GLU A 118 -2.07 -31.41 24.44
C GLU A 118 -3.43 -31.38 25.12
N LEU A 119 -3.67 -30.33 25.91
CA LEU A 119 -4.93 -30.16 26.65
C LEU A 119 -6.14 -30.06 25.72
N CYS A 120 -5.92 -29.65 24.48
CA CYS A 120 -7.01 -29.65 23.51
C CYS A 120 -7.24 -31.03 22.93
N THR A 121 -6.15 -31.78 22.77
CA THR A 121 -6.21 -33.09 22.14
C THR A 121 -6.38 -34.27 23.09
N GLU A 122 -6.38 -34.02 24.40
CA GLU A 122 -6.51 -35.13 25.34
C GLU A 122 -7.86 -35.80 25.14
N ASN A 123 -8.94 -35.06 25.33
CA ASN A 123 -10.28 -35.64 25.33
C ASN A 123 -10.61 -36.25 23.97
N LEU A 124 -9.71 -36.08 23.02
CA LEU A 124 -9.92 -36.57 21.68
C LEU A 124 -8.86 -37.56 21.21
N ASP A 125 -9.19 -38.25 20.13
CA ASP A 125 -8.40 -39.35 19.60
C ASP A 125 -7.01 -38.87 19.19
N LEU A 126 -6.08 -39.80 19.07
CA LEU A 126 -4.77 -39.51 18.51
C LEU A 126 -4.73 -40.30 17.21
N LYS A 127 -4.61 -41.62 17.30
CA LYS A 127 -4.63 -42.48 16.13
C LYS A 127 -3.40 -42.16 15.31
N ASP A 128 -2.33 -41.85 16.03
CA ASP A 128 -1.09 -41.39 15.44
C ASP A 128 -1.06 -39.87 15.38
N GLU A 164 0.54 -34.02 10.92
CA GLU A 164 -0.70 -33.49 10.35
C GLU A 164 -0.48 -32.39 9.31
N LYS A 165 -1.33 -32.39 8.28
CA LYS A 165 -1.20 -31.52 7.13
C LYS A 165 -0.95 -30.10 7.64
N GLU A 166 -0.05 -29.37 6.99
CA GLU A 166 0.42 -28.13 7.60
C GLU A 166 -0.04 -26.85 6.91
N GLU A 167 -1.07 -26.27 7.51
CA GLU A 167 -1.60 -24.98 7.19
C GLU A 167 -2.28 -24.55 8.51
N ASN A 168 -2.19 -23.27 8.87
CA ASN A 168 -2.86 -22.73 10.07
C ASN A 168 -3.80 -21.62 9.67
N SER A 169 -4.65 -21.20 10.59
CA SER A 169 -5.45 -20.01 10.37
C SER A 169 -5.52 -19.25 11.68
N LYS A 170 -5.69 -17.93 11.64
CA LYS A 170 -5.81 -17.21 12.90
C LYS A 170 -6.97 -16.24 12.97
N PRO A 171 -8.16 -16.74 13.39
CA PRO A 171 -9.18 -15.77 13.80
C PRO A 171 -8.51 -14.94 14.87
N VAL A 172 -8.99 -13.73 15.01
CA VAL A 172 -8.43 -12.80 15.96
C VAL A 172 -9.67 -12.03 16.47
N THR A 173 -9.59 -11.35 17.62
CA THR A 173 -8.34 -11.22 18.41
C THR A 173 -7.69 -12.41 19.15
N PRO A 174 -8.50 -13.35 19.68
CA PRO A 174 -7.92 -14.33 20.62
C PRO A 174 -6.66 -14.95 20.07
N LYS A 175 -6.48 -14.88 18.75
CA LYS A 175 -5.36 -15.55 18.11
C LYS A 175 -5.55 -17.02 18.34
N VAL A 176 -6.75 -17.49 18.04
CA VAL A 176 -6.99 -18.91 18.03
C VAL A 176 -6.45 -19.48 16.70
N VAL A 177 -5.48 -20.38 16.81
CA VAL A 177 -4.97 -21.16 15.69
C VAL A 177 -5.97 -22.27 15.34
N THR A 178 -5.95 -22.73 14.09
CA THR A 178 -6.87 -23.77 13.61
C THR A 178 -6.18 -24.80 12.68
N PRO A 179 -5.50 -25.81 13.25
CA PRO A 179 -4.96 -26.86 12.38
C PRO A 179 -6.04 -27.81 11.88
N LYS A 180 -5.62 -28.75 11.02
CA LYS A 180 -6.45 -29.91 10.63
C LYS A 180 -5.57 -31.17 10.56
N GLU A 181 -6.00 -32.28 11.16
CA GLU A 181 -5.08 -33.41 11.25
C GLU A 181 -5.47 -34.61 10.39
N GLU A 182 -5.27 -34.48 9.09
CA GLU A 182 -5.52 -35.54 8.09
C GLU A 182 -6.97 -36.09 7.96
N LYS A 183 -7.82 -35.89 8.96
CA LYS A 183 -9.28 -35.72 8.78
C LYS A 183 -9.83 -34.63 9.72
N LYS A 184 -9.63 -34.86 11.01
CA LYS A 184 -10.21 -34.08 12.10
C LYS A 184 -9.64 -32.66 12.31
N THR A 185 -10.54 -31.70 12.37
CA THR A 185 -10.19 -30.32 12.57
C THR A 185 -9.86 -30.07 14.03
N VAL A 186 -8.76 -29.37 14.30
CA VAL A 186 -8.49 -28.97 15.68
C VAL A 186 -8.44 -27.45 15.82
N GLU A 187 -8.85 -26.94 16.97
CA GLU A 187 -8.87 -25.50 17.15
C GLU A 187 -8.43 -25.08 18.57
N MET A 188 -7.38 -24.26 18.66
CA MET A 188 -6.87 -23.87 19.96
C MET A 188 -6.52 -22.40 20.03
N SER A 189 -6.92 -21.73 21.10
CA SER A 189 -6.78 -20.29 21.17
C SER A 189 -5.75 -19.83 22.21
N LEU A 190 -4.60 -19.36 21.75
CA LEU A 190 -3.63 -18.74 22.65
C LEU A 190 -4.30 -17.43 23.04
N LEU A 191 -3.68 -16.63 23.89
CA LEU A 191 -4.31 -15.35 24.29
C LEU A 191 -5.86 -15.38 24.36
N PRO A 192 -6.43 -16.38 25.07
CA PRO A 192 -7.89 -16.39 25.29
C PRO A 192 -8.31 -15.26 26.21
N ILE A 193 -7.34 -14.69 26.92
CA ILE A 193 -7.59 -13.55 27.82
C ILE A 193 -8.18 -12.37 27.06
N LEU A 194 -8.01 -12.43 25.75
CA LEU A 194 -8.46 -11.43 24.79
C LEU A 194 -9.86 -11.80 24.30
N ASN A 195 -10.54 -12.62 25.09
CA ASN A 195 -11.92 -12.96 24.80
C ASN A 195 -12.92 -12.35 25.80
N ARG A 196 -14.15 -12.14 25.35
CA ARG A 196 -15.24 -11.78 26.25
C ARG A 196 -15.88 -13.07 26.71
N GLU A 197 -16.47 -13.79 25.76
CA GLU A 197 -17.26 -14.98 26.07
C GLU A 197 -16.47 -15.97 26.92
N SER A 198 -15.15 -15.87 26.85
CA SER A 198 -14.29 -16.77 27.62
C SER A 198 -13.90 -16.21 28.98
N GLU A 199 -12.97 -15.25 28.96
CA GLU A 199 -12.40 -14.74 30.21
C GLU A 199 -12.10 -15.93 31.12
N GLU A 200 -12.46 -15.85 32.41
CA GLU A 200 -12.17 -16.95 33.32
C GLU A 200 -10.75 -17.45 33.06
N SER A 201 -9.73 -16.65 33.38
CA SER A 201 -8.36 -16.92 32.89
C SER A 201 -7.87 -18.36 33.16
N LEU A 202 -7.88 -18.77 34.42
CA LEU A 202 -7.52 -17.87 35.52
C LEU A 202 -6.18 -18.23 36.17
N SER A 203 -5.57 -19.33 35.73
CA SER A 203 -4.28 -19.79 36.23
C SER A 203 -3.15 -18.83 35.93
N SER A 204 -2.26 -18.64 36.90
CA SER A 204 -1.13 -17.72 36.70
C SER A 204 -0.06 -18.32 35.76
N GLU A 205 0.01 -19.65 35.70
CA GLU A 205 0.85 -20.34 34.71
C GLU A 205 0.41 -19.95 33.32
N ILE A 206 -0.91 -19.98 33.11
CA ILE A 206 -1.50 -19.56 31.86
C ILE A 206 -1.15 -18.11 31.58
N LEU A 207 -1.45 -17.21 32.50
CA LEU A 207 -1.13 -15.80 32.38
C LEU A 207 0.34 -15.56 31.98
N GLU A 208 1.20 -16.44 32.46
CA GLU A 208 2.64 -16.35 32.23
C GLU A 208 2.96 -16.78 30.81
N GLY A 209 2.37 -17.90 30.38
CA GLY A 209 2.49 -18.36 29.00
C GLY A 209 1.97 -17.33 27.98
N GLU A 210 0.82 -16.74 28.28
CA GLU A 210 0.25 -15.72 27.44
C GLU A 210 1.18 -14.52 27.33
N ALA A 211 1.59 -13.97 28.47
CA ALA A 211 2.50 -12.82 28.36
C ALA A 211 3.79 -13.20 27.59
N ALA A 212 4.18 -14.47 27.67
CA ALA A 212 5.33 -14.93 26.88
C ALA A 212 5.06 -14.88 25.39
N VAL A 213 3.94 -15.44 24.94
CA VAL A 213 3.65 -15.38 23.51
C VAL A 213 3.52 -13.95 23.02
N VAL A 214 2.77 -13.11 23.74
CA VAL A 214 2.69 -11.68 23.40
C VAL A 214 4.11 -11.08 23.27
N ASN A 215 4.99 -11.40 24.22
CA ASN A 215 6.37 -10.95 24.15
C ASN A 215 7.07 -11.41 22.88
N VAL A 216 7.00 -12.71 22.59
CA VAL A 216 7.67 -13.18 21.38
C VAL A 216 7.05 -12.60 20.10
N PHE A 217 5.76 -12.27 20.14
CA PHE A 217 5.18 -11.53 19.03
C PHE A 217 5.89 -10.20 18.87
N LYS A 218 5.94 -9.39 19.94
CA LYS A 218 6.64 -8.10 19.81
C LYS A 218 8.07 -8.28 19.31
N MET A 219 8.75 -9.35 19.74
CA MET A 219 10.13 -9.59 19.26
C MET A 219 10.19 -10.03 17.81
N TYR A 220 9.12 -10.67 17.33
CA TYR A 220 9.04 -11.06 15.93
C TYR A 220 8.85 -9.84 15.08
N ILE A 221 7.84 -9.06 15.41
CA ILE A 221 7.61 -7.82 14.71
C ILE A 221 8.95 -7.09 14.65
N LYS A 222 9.59 -6.88 15.81
CA LYS A 222 10.83 -6.09 15.84
C LYS A 222 11.97 -6.74 15.04
N GLY A 223 11.94 -8.07 14.92
CA GLY A 223 12.94 -8.77 14.12
C GLY A 223 12.77 -8.33 12.70
N PHE A 224 11.55 -8.52 12.22
CA PHE A 224 11.15 -8.10 10.88
C PHE A 224 11.44 -6.63 10.58
N LEU A 225 11.02 -5.70 11.44
CA LEU A 225 11.32 -4.28 11.27
C LEU A 225 12.82 -4.03 11.13
N MET A 226 13.59 -4.50 12.11
CA MET A 226 15.03 -4.30 12.08
C MET A 226 15.66 -4.82 10.77
N TYR A 227 15.15 -5.95 10.28
CA TYR A 227 15.73 -6.65 9.14
C TYR A 227 15.35 -6.01 7.81
N LEU A 228 14.13 -5.52 7.75
CA LEU A 228 13.64 -4.70 6.67
C LEU A 228 14.51 -3.49 6.55
N GLY A 229 14.52 -2.70 7.63
CA GLY A 229 15.27 -1.46 7.64
C GLY A 229 16.71 -1.60 7.13
N GLU A 230 17.29 -2.79 7.31
CA GLU A 230 18.64 -3.07 6.83
C GLU A 230 18.75 -3.84 5.53
N ASN A 231 17.64 -4.27 4.96
CA ASN A 231 17.77 -5.13 3.76
C ASN A 231 16.81 -4.83 2.64
N PRO A 232 17.02 -3.67 2.02
CA PRO A 232 16.21 -3.21 0.89
C PRO A 232 16.24 -4.26 -0.20
N ASN A 233 15.11 -4.40 -0.90
CA ASN A 233 14.94 -5.39 -1.96
C ASN A 233 14.00 -4.80 -3.01
N SER A 234 14.32 -5.01 -4.28
CA SER A 234 13.60 -4.37 -5.37
C SER A 234 12.09 -4.61 -5.32
N TYR A 235 11.70 -5.72 -4.69
CA TYR A 235 10.27 -6.02 -4.55
C TYR A 235 9.56 -5.26 -3.38
N ASP A 236 10.32 -4.56 -2.53
CA ASP A 236 9.69 -3.92 -1.36
C ASP A 236 8.42 -3.19 -1.80
N ARG A 237 8.52 -2.45 -2.90
CA ARG A 237 7.39 -1.68 -3.44
C ARG A 237 6.07 -2.51 -3.60
N GLN A 238 6.19 -3.80 -3.91
CA GLN A 238 5.01 -4.67 -4.09
C GLN A 238 4.58 -5.45 -2.82
N LEU A 239 5.28 -5.23 -1.72
CA LEU A 239 5.04 -6.04 -0.52
C LEU A 239 4.41 -5.24 0.62
N ASN A 240 3.48 -5.86 1.34
CA ASN A 240 2.96 -5.23 2.56
C ASN A 240 3.00 -6.13 3.78
N ILE A 241 2.50 -5.57 4.88
CA ILE A 241 2.55 -6.22 6.15
C ILE A 241 1.27 -6.99 6.47
N GLU A 242 0.37 -7.13 5.51
CA GLU A 242 -0.95 -7.73 5.78
C GLU A 242 -0.91 -9.00 6.65
N LYS A 243 -0.03 -9.92 6.27
CA LYS A 243 0.09 -11.19 6.97
C LYS A 243 0.65 -11.12 8.44
N TYR A 244 1.11 -9.96 8.86
CA TYR A 244 1.59 -9.77 10.23
C TYR A 244 0.45 -9.27 11.13
N ARG A 245 -0.64 -8.85 10.49
CA ARG A 245 -1.69 -8.17 11.28
C ARG A 245 -2.08 -8.88 12.58
N PRO A 246 -2.46 -10.17 12.49
CA PRO A 246 -2.89 -10.84 13.71
C PRO A 246 -1.89 -10.63 14.86
N LEU A 247 -0.60 -10.89 14.66
CA LEU A 247 0.31 -10.76 15.81
C LEU A 247 0.15 -9.34 16.38
N LEU A 248 0.26 -8.34 15.50
CA LEU A 248 0.16 -6.96 15.92
C LEU A 248 -1.12 -6.73 16.68
N ILE A 249 -2.24 -7.17 16.10
CA ILE A 249 -3.54 -7.02 16.75
C ILE A 249 -3.47 -7.60 18.16
N SER A 250 -3.05 -8.85 18.27
CA SER A 250 -2.94 -9.41 19.61
C SER A 250 -2.05 -8.49 20.46
N ILE A 251 -0.84 -8.20 19.98
CA ILE A 251 0.08 -7.35 20.72
C ILE A 251 -0.60 -6.07 21.25
N ILE A 252 -1.47 -5.45 20.47
CA ILE A 252 -2.12 -4.25 21.03
C ILE A 252 -3.31 -4.55 21.93
N GLY A 253 -4.12 -5.53 21.53
CA GLY A 253 -5.24 -5.95 22.37
C GLY A 253 -4.74 -6.23 23.78
N TYR A 254 -3.77 -7.13 23.89
CA TYR A 254 -3.14 -7.44 25.16
C TYR A 254 -2.66 -6.15 25.85
N GLU A 255 -1.88 -5.34 25.13
CA GLU A 255 -1.37 -4.11 25.73
C GLU A 255 -2.49 -3.26 26.33
N HIS A 256 -3.65 -3.29 25.67
CA HIS A 256 -4.77 -2.52 26.15
C HIS A 256 -5.21 -3.11 27.50
N LEU A 257 -5.48 -4.42 27.51
CA LEU A 257 -6.04 -5.08 28.70
C LEU A 257 -5.18 -4.82 29.92
N ILE A 258 -3.99 -5.44 29.92
CA ILE A 258 -3.05 -5.28 31.02
C ILE A 258 -2.74 -3.78 31.27
N GLY A 259 -3.08 -2.92 30.31
CA GLY A 259 -3.03 -1.49 30.54
C GLY A 259 -4.21 -0.87 31.29
N THR A 260 -5.44 -1.18 30.87
CA THR A 260 -6.62 -0.61 31.53
C THR A 260 -6.70 -1.07 32.99
N ARG A 261 -6.53 -2.36 33.17
CA ARG A 261 -6.67 -3.08 34.45
C ARG A 261 -5.37 -3.36 35.23
N VAL A 262 -4.33 -2.55 35.04
CA VAL A 262 -2.97 -2.68 35.63
C VAL A 262 -2.03 -1.68 34.92
N PRO A 263 -0.68 -1.83 34.98
CA PRO A 263 0.12 -0.61 34.76
C PRO A 263 -0.45 0.29 33.67
N ASN A 264 -0.31 1.59 33.92
CA ASN A 264 -1.03 2.67 33.24
C ASN A 264 -0.97 2.79 31.70
N LYS A 265 0.03 2.17 31.06
CA LYS A 265 0.43 2.57 29.71
C LYS A 265 -0.67 2.62 28.65
N GLU A 266 -0.52 3.57 27.72
CA GLU A 266 -1.30 3.60 26.48
C GLU A 266 -0.70 2.60 25.48
N VAL A 267 -1.55 2.07 24.59
CA VAL A 267 -1.09 1.07 23.61
C VAL A 267 -0.03 1.66 22.67
N ASN A 268 0.94 0.84 22.26
CA ASN A 268 2.14 1.34 21.54
C ASN A 268 1.89 1.85 20.10
N HIS A 269 2.23 3.10 19.84
CA HIS A 269 1.79 3.72 18.60
C HIS A 269 2.29 2.99 17.35
N ILE A 270 3.51 2.49 17.37
CA ILE A 270 4.01 1.74 16.23
C ILE A 270 3.19 0.49 15.88
N PHE A 271 3.04 -0.40 16.87
CA PHE A 271 2.24 -1.60 16.66
C PHE A 271 0.83 -1.18 16.27
N TYR A 272 0.34 -0.14 16.91
CA TYR A 272 -1.03 0.32 16.66
C TYR A 272 -1.17 0.73 15.19
N GLN A 273 -0.17 1.45 14.66
CA GLN A 273 -0.19 1.91 13.29
C GLN A 273 -0.10 0.74 12.32
N LEU A 274 0.91 -0.11 12.52
CA LEU A 274 1.07 -1.26 11.64
C LEU A 274 -0.18 -2.16 11.68
N ALA A 275 -0.92 -2.07 12.79
CA ALA A 275 -2.07 -2.93 12.93
C ALA A 275 -3.23 -2.31 12.16
N THR A 276 -3.32 -0.98 12.25
CA THR A 276 -4.36 -0.23 11.55
C THR A 276 -4.15 -0.28 10.03
N PHE A 277 -2.94 0.04 9.55
CA PHE A 277 -2.66 -0.02 8.13
C PHE A 277 -1.86 -1.26 7.77
N ASP A 278 -2.55 -2.32 7.35
CA ASP A 278 -1.84 -3.57 7.09
C ASP A 278 -1.35 -3.60 5.67
N ASN A 279 -1.73 -2.56 4.93
CA ASN A 279 -1.38 -2.39 3.53
C ASN A 279 -0.08 -1.64 3.35
N TYR A 280 0.53 -1.23 4.47
CA TYR A 280 1.82 -0.56 4.46
C TYR A 280 2.76 -1.38 3.61
N PRO A 281 3.29 -0.77 2.55
CA PRO A 281 4.22 -1.46 1.66
C PRO A 281 5.61 -1.40 2.28
N PHE A 282 6.49 -2.32 1.91
CA PHE A 282 7.74 -2.48 2.65
C PHE A 282 8.58 -1.20 2.63
N ASP A 283 8.80 -0.67 1.42
CA ASP A 283 9.71 0.48 1.16
C ASP A 283 9.32 1.76 1.90
N LEU A 284 8.04 2.06 1.83
CA LEU A 284 7.43 3.23 2.45
C LEU A 284 7.45 3.07 3.95
N LEU A 285 7.47 1.81 4.39
CA LEU A 285 7.49 1.54 5.80
C LEU A 285 8.88 1.90 6.28
N ARG A 286 9.89 1.35 5.60
CA ARG A 286 11.29 1.60 5.97
C ARG A 286 11.56 3.07 6.01
N PHE A 287 10.91 3.78 5.10
CA PHE A 287 11.20 5.21 4.97
C PHE A 287 10.44 6.00 6.02
N GLN A 288 9.18 5.66 6.22
CA GLN A 288 8.30 6.44 7.08
C GLN A 288 8.30 6.01 8.53
N LEU A 289 8.91 4.87 8.83
CA LEU A 289 8.74 4.34 10.16
C LEU A 289 9.14 5.32 11.25
N SER A 290 10.19 6.09 11.01
CA SER A 290 10.87 6.79 12.09
C SER A 290 10.77 8.31 12.01
N SER A 291 9.97 8.88 12.90
CA SER A 291 8.98 8.11 13.63
C SER A 291 7.70 8.42 12.86
N LEU A 292 6.61 7.80 13.30
CA LEU A 292 5.29 8.10 12.81
C LEU A 292 4.56 8.90 13.88
N ILE A 293 3.34 9.31 13.59
CA ILE A 293 2.55 10.19 14.45
C ILE A 293 2.04 9.49 15.72
N SER A 294 1.89 10.25 16.81
CA SER A 294 1.32 9.70 18.04
C SER A 294 -0.20 9.64 17.97
N THR A 295 -0.79 8.68 18.67
CA THR A 295 -2.23 8.46 18.60
C THR A 295 -2.99 9.77 18.78
N PRO A 296 -3.93 10.07 17.86
CA PRO A 296 -4.77 11.27 17.97
C PRO A 296 -5.49 11.30 19.32
N ALA A 297 -5.56 12.48 19.94
CA ALA A 297 -6.25 12.62 21.21
C ALA A 297 -7.67 12.07 21.11
N LEU A 298 -8.42 12.55 20.12
CA LEU A 298 -9.81 12.12 19.93
C LEU A 298 -9.91 10.58 19.88
N ILE A 299 -8.90 9.96 19.29
CA ILE A 299 -8.92 8.50 19.17
C ILE A 299 -8.67 7.81 20.52
N ARG A 300 -7.83 8.40 21.37
CA ARG A 300 -7.65 7.89 22.73
C ARG A 300 -8.96 8.02 23.52
N GLU A 301 -9.65 9.16 23.38
CA GLU A 301 -10.96 9.34 24.01
C GLU A 301 -11.91 8.21 23.58
N LYS A 302 -12.10 8.06 22.28
CA LYS A 302 -12.96 6.98 21.77
C LYS A 302 -12.46 5.59 22.21
N ILE A 303 -11.16 5.48 22.51
CA ILE A 303 -10.55 4.21 22.92
C ILE A 303 -10.89 3.84 24.35
N ALA A 304 -11.06 4.86 25.18
CA ALA A 304 -11.53 4.65 26.55
C ALA A 304 -13.06 4.50 26.57
N LYS A 305 -13.77 5.54 26.15
CA LYS A 305 -15.25 5.56 26.17
C LYS A 305 -15.88 4.31 25.50
N GLU A 306 -15.18 3.73 24.52
CA GLU A 306 -15.50 2.40 23.98
C GLU A 306 -14.21 1.61 23.84
N GLY A 307 -14.25 0.43 23.24
CA GLY A 307 -13.05 -0.39 23.13
C GLY A 307 -12.32 -0.38 21.79
N LEU A 308 -11.18 -1.07 21.77
CA LEU A 308 -10.47 -1.37 20.53
C LEU A 308 -11.28 -2.30 19.63
N PHE A 309 -12.34 -2.90 20.16
CA PHE A 309 -13.11 -3.83 19.35
C PHE A 309 -14.61 -3.64 19.49
N LYS A 310 -15.30 -3.54 18.35
CA LYS A 310 -16.74 -3.65 18.36
C LYS A 310 -17.10 -5.10 18.02
N ILE A 311 -17.72 -5.81 18.95
CA ILE A 311 -18.11 -7.19 18.68
C ILE A 311 -19.51 -7.16 18.11
N ILE A 312 -19.67 -7.68 16.90
CA ILE A 312 -20.93 -7.54 16.18
C ILE A 312 -21.41 -8.80 15.44
N THR A 313 -22.65 -9.18 15.73
CA THR A 313 -23.41 -10.13 14.93
C THR A 313 -24.89 -9.80 15.15
N THR A 324 -18.47 -11.83 14.55
CA THR A 324 -17.39 -11.15 13.83
C THR A 324 -16.95 -9.83 14.50
N VAL A 325 -15.64 -9.56 14.47
CA VAL A 325 -15.13 -8.44 15.25
C VAL A 325 -14.55 -7.27 14.41
N LEU A 326 -14.75 -6.04 14.90
CA LEU A 326 -14.18 -4.83 14.29
C LEU A 326 -13.06 -4.17 15.11
N PHE A 327 -12.02 -3.74 14.39
CA PHE A 327 -10.89 -3.04 14.96
C PHE A 327 -11.04 -1.53 14.76
N ARG A 328 -10.59 -0.76 15.74
CA ARG A 328 -10.69 0.71 15.67
C ARG A 328 -9.39 1.48 15.54
N GLY A 329 -9.46 2.65 14.88
CA GLY A 329 -8.36 3.59 14.75
C GLY A 329 -7.23 2.82 14.11
N ILE A 330 -6.00 3.31 14.21
CA ILE A 330 -5.63 4.58 14.81
C ILE A 330 -6.15 5.80 14.05
N ASN A 331 -6.70 5.58 12.87
CA ASN A 331 -7.21 6.67 12.09
C ASN A 331 -8.69 6.90 12.30
N GLY A 332 -9.35 6.06 13.11
CA GLY A 332 -10.79 6.15 13.32
C GLY A 332 -11.53 5.18 12.41
N SER A 333 -10.76 4.40 11.67
CA SER A 333 -11.36 3.40 10.80
C SER A 333 -11.86 2.24 11.65
N GLU A 334 -12.99 1.67 11.26
CA GLU A 334 -13.39 0.39 11.81
C GLU A 334 -13.25 -0.74 10.78
N SER A 335 -12.20 -1.53 10.94
CA SER A 335 -11.90 -2.64 10.00
C SER A 335 -12.28 -4.04 10.54
N PHE A 336 -13.01 -4.80 9.74
CA PHE A 336 -13.24 -6.20 10.01
C PHE A 336 -11.87 -6.91 10.07
N LEU A 337 -11.65 -7.76 11.08
CA LEU A 337 -10.40 -8.51 11.17
C LEU A 337 -10.51 -9.83 10.35
N ASN A 338 -9.67 -9.95 9.34
CA ASN A 338 -9.71 -11.11 8.47
C ASN A 338 -9.18 -12.39 9.13
N ILE A 339 -9.63 -13.54 8.67
CA ILE A 339 -8.96 -14.78 9.04
C ILE A 339 -7.77 -14.95 8.12
N LYS A 340 -6.59 -15.18 8.67
CA LYS A 340 -5.39 -15.35 7.82
C LYS A 340 -4.88 -16.81 7.85
N ARG A 341 -4.35 -17.29 6.72
CA ARG A 341 -3.95 -18.70 6.58
C ARG A 341 -2.47 -18.83 6.31
N TYR A 342 -1.80 -19.69 7.06
CA TYR A 342 -0.35 -19.79 6.90
C TYR A 342 0.06 -21.16 6.43
N ARG A 343 0.72 -21.20 5.27
CA ARG A 343 1.22 -22.45 4.71
C ARG A 343 2.72 -22.29 4.58
N LYS A 344 3.41 -23.34 4.16
CA LYS A 344 4.77 -23.19 3.65
C LYS A 344 5.08 -24.38 2.75
N PHE A 345 5.99 -24.22 1.78
CA PHE A 345 6.51 -25.42 1.12
C PHE A 345 8.03 -25.50 1.02
N LYS A 346 8.50 -26.65 0.52
CA LYS A 346 9.89 -27.04 0.62
C LYS A 346 10.37 -27.77 -0.58
N THR A 347 11.55 -28.34 -0.38
CA THR A 347 12.37 -29.02 -1.38
C THR A 347 11.60 -29.91 -2.33
N ARG A 348 10.72 -30.75 -1.80
CA ARG A 348 9.82 -31.51 -2.66
C ARG A 348 10.53 -32.23 -3.82
N ILE A 349 11.24 -33.33 -3.52
CA ILE A 349 11.83 -34.16 -4.58
C ILE A 349 13.25 -33.76 -5.05
N VAL A 350 13.80 -32.69 -4.49
CA VAL A 350 15.04 -32.07 -5.02
C VAL A 350 16.30 -32.95 -5.16
N GLY A 351 16.81 -33.02 -6.40
CA GLY A 351 18.02 -33.78 -6.73
C GLY A 351 19.34 -33.00 -6.64
N ASN A 352 20.46 -33.71 -6.76
CA ASN A 352 21.76 -33.10 -6.51
C ASN A 352 22.77 -33.15 -7.68
N VAL A 353 23.07 -32.00 -8.27
CA VAL A 353 24.07 -31.96 -9.35
C VAL A 353 25.50 -31.60 -8.89
N ASP A 354 25.63 -31.15 -7.64
CA ASP A 354 26.91 -30.65 -7.13
C ASP A 354 28.07 -31.68 -6.94
N CYS A 355 27.80 -32.97 -6.96
CA CYS A 355 28.92 -33.93 -6.85
C CYS A 355 29.34 -34.45 -8.23
N VAL A 356 28.75 -33.86 -9.28
CA VAL A 356 28.87 -34.43 -10.63
C VAL A 356 30.14 -34.05 -11.40
N ILE A 357 30.91 -35.07 -11.77
CA ILE A 357 32.23 -34.92 -12.37
C ILE A 357 32.25 -33.89 -13.50
N LYS A 358 33.20 -32.94 -13.39
CA LYS A 358 33.37 -31.81 -14.32
C LYS A 358 34.51 -32.01 -15.33
N SER A 359 34.25 -31.70 -16.59
CA SER A 359 35.24 -32.01 -17.64
C SER A 359 35.77 -30.77 -18.38
N ASP A 360 37.02 -30.86 -18.83
CA ASP A 360 37.71 -29.71 -19.45
C ASP A 360 37.73 -29.82 -20.97
N PHE A 361 36.96 -28.98 -21.64
CA PHE A 361 36.68 -29.21 -23.05
C PHE A 361 37.58 -28.50 -24.08
N SER A 362 38.46 -27.62 -23.60
CA SER A 362 39.37 -26.91 -24.49
C SER A 362 40.36 -27.85 -25.21
N SER A 363 41.01 -28.72 -24.46
CA SER A 363 42.06 -29.55 -25.03
C SER A 363 41.63 -30.31 -26.28
N LEU A 364 40.34 -30.56 -26.45
CA LEU A 364 39.89 -31.34 -27.61
C LEU A 364 39.90 -30.52 -28.89
N LYS A 365 40.55 -31.05 -29.93
CA LYS A 365 40.78 -30.24 -31.11
C LYS A 365 39.63 -30.46 -32.09
N LEU A 366 38.77 -29.46 -32.19
CA LEU A 366 37.78 -29.42 -33.25
C LEU A 366 38.03 -28.40 -34.38
N ASP A 367 39.11 -27.61 -34.29
CA ASP A 367 39.52 -26.67 -35.36
C ASP A 367 38.98 -25.24 -35.20
N GLU B 26 -21.83 16.07 -14.66
CA GLU B 26 -22.06 17.36 -13.99
C GLU B 26 -20.92 17.78 -13.05
N ARG B 27 -21.18 18.82 -12.25
CA ARG B 27 -20.14 19.57 -11.53
C ARG B 27 -19.16 18.69 -10.76
N ARG B 28 -17.87 19.01 -10.87
CA ARG B 28 -16.81 18.30 -10.15
C ARG B 28 -15.73 19.28 -9.75
N THR B 29 -15.16 19.13 -8.57
CA THR B 29 -14.17 20.10 -8.15
C THR B 29 -12.81 19.65 -8.63
N PHE B 30 -12.01 20.62 -9.01
CA PHE B 30 -10.75 20.35 -9.67
C PHE B 30 -9.94 19.42 -8.77
N GLY B 31 -9.51 18.27 -9.31
CA GLY B 31 -8.59 17.38 -8.62
C GLY B 31 -9.31 16.21 -7.97
N SER B 32 -10.63 16.38 -7.85
CA SER B 32 -11.46 15.40 -7.17
C SER B 32 -11.55 14.09 -7.93
N TYR B 33 -11.75 13.00 -7.18
CA TYR B 33 -11.91 11.68 -7.75
C TYR B 33 -13.29 11.16 -7.42
N LYS B 34 -13.75 10.21 -8.21
CA LYS B 34 -14.98 9.50 -7.90
C LYS B 34 -14.65 8.03 -7.86
N ILE B 35 -15.17 7.35 -6.83
CA ILE B 35 -14.99 5.91 -6.71
C ILE B 35 -16.29 5.21 -7.03
N GLU B 36 -16.19 4.16 -7.84
CA GLU B 36 -17.39 3.44 -8.26
C GLU B 36 -17.32 2.05 -7.71
N GLU B 37 -18.44 1.59 -7.17
CA GLU B 37 -18.48 0.27 -6.65
C GLU B 37 -18.81 -0.65 -7.82
N LEU B 38 -17.86 -1.53 -8.14
CA LEU B 38 -18.11 -2.63 -9.07
C LEU B 38 -18.56 -3.89 -8.34
N THR B 39 -19.44 -4.69 -8.95
CA THR B 39 -19.74 -6.01 -8.40
C THR B 39 -19.53 -7.15 -9.43
N ILE B 40 -18.73 -8.16 -9.06
CA ILE B 40 -18.41 -9.25 -9.99
C ILE B 40 -18.62 -10.68 -9.43
N LYS B 41 -17.95 -11.04 -8.33
CA LYS B 41 -18.42 -12.23 -7.61
C LYS B 41 -19.23 -11.94 -6.34
N ASN B 42 -20.53 -12.17 -6.56
CA ASN B 42 -21.61 -11.90 -5.61
C ASN B 42 -22.36 -10.63 -5.98
N THR B 63 -17.10 -10.57 -6.12
CA THR B 63 -16.71 -9.69 -5.05
C THR B 63 -17.23 -8.30 -5.36
N LYS B 64 -16.81 -7.30 -4.59
CA LYS B 64 -16.92 -5.93 -5.06
C LYS B 64 -15.55 -5.33 -5.29
N LYS B 65 -15.18 -5.18 -6.56
CA LYS B 65 -13.99 -4.46 -7.00
C LYS B 65 -14.29 -2.95 -7.02
N ILE B 66 -13.30 -2.15 -7.29
CA ILE B 66 -13.48 -0.70 -7.25
C ILE B 66 -12.73 0.10 -8.29
N PRO B 67 -13.36 0.49 -9.41
CA PRO B 67 -12.70 1.47 -10.28
C PRO B 67 -12.57 2.87 -9.66
N LEU B 68 -11.37 3.44 -9.80
CA LEU B 68 -11.01 4.79 -9.33
C LEU B 68 -11.27 5.82 -10.43
N LEU B 69 -12.03 5.42 -11.45
CA LEU B 69 -11.93 5.96 -12.80
C LEU B 69 -11.58 7.46 -12.87
N ASP B 70 -12.06 8.27 -11.95
CA ASP B 70 -11.52 9.61 -11.85
C ASP B 70 -10.91 9.83 -10.48
N ASP B 71 -9.61 10.16 -10.38
CA ASP B 71 -8.65 10.07 -11.47
C ASP B 71 -9.13 10.90 -12.64
N GLY B 72 -9.56 12.13 -12.34
CA GLY B 72 -10.28 12.90 -13.35
C GLY B 72 -9.33 13.26 -14.46
N ILE B 73 -8.16 12.61 -14.40
CA ILE B 73 -7.00 12.88 -15.25
C ILE B 73 -7.20 12.83 -16.77
N PHE B 74 -7.68 11.69 -17.28
CA PHE B 74 -7.95 11.63 -18.71
C PHE B 74 -8.85 12.80 -19.12
N GLU B 75 -9.95 12.98 -18.39
CA GLU B 75 -10.87 14.08 -18.65
C GLU B 75 -10.12 15.39 -18.79
N LEU B 76 -9.24 15.66 -17.83
CA LEU B 76 -8.42 16.87 -17.80
C LEU B 76 -7.59 17.02 -19.06
N LEU B 77 -6.69 16.07 -19.32
CA LEU B 77 -5.93 16.09 -20.57
C LEU B 77 -6.81 16.39 -21.78
N ASN B 78 -7.89 15.63 -21.89
CA ASN B 78 -8.81 15.79 -22.99
C ASN B 78 -9.23 17.23 -23.11
N TYR B 79 -9.66 17.82 -22.01
CA TYR B 79 -10.06 19.21 -22.02
C TYR B 79 -8.94 20.04 -22.62
N LEU B 80 -7.73 19.81 -22.14
CA LEU B 80 -6.59 20.61 -22.54
C LEU B 80 -6.34 20.56 -24.03
N ILE B 81 -6.32 19.36 -24.59
CA ILE B 81 -6.16 19.19 -26.02
C ILE B 81 -7.30 19.82 -26.80
N ASP B 82 -8.50 19.73 -26.25
CA ASP B 82 -9.68 20.31 -26.88
C ASP B 82 -9.61 21.82 -26.85
N GLY B 83 -8.67 22.33 -26.06
CA GLY B 83 -8.49 23.76 -25.90
C GLY B 83 -9.61 24.42 -25.14
N THR B 84 -10.55 23.62 -24.65
CA THR B 84 -11.77 24.15 -24.04
C THR B 84 -11.46 25.17 -22.94
N ASN B 85 -12.28 26.22 -22.85
CA ASN B 85 -12.10 27.20 -21.79
C ASN B 85 -12.57 26.65 -20.44
N PHE B 86 -12.02 27.18 -19.36
CA PHE B 86 -12.30 26.68 -18.02
C PHE B 86 -13.77 26.73 -17.66
N ASP B 87 -14.41 27.86 -17.91
CA ASP B 87 -15.83 28.03 -17.61
C ASP B 87 -16.71 27.10 -18.44
N LYS B 88 -16.10 26.41 -19.41
CA LYS B 88 -16.80 25.41 -20.22
C LYS B 88 -16.59 24.00 -19.71
N THR B 89 -15.99 23.86 -18.53
CA THR B 89 -15.61 22.56 -17.96
C THR B 89 -16.37 22.28 -16.66
N CYS B 90 -16.41 21.00 -16.25
CA CYS B 90 -17.07 20.66 -14.98
C CYS B 90 -16.56 21.45 -13.79
N TYR B 91 -15.27 21.77 -13.79
CA TYR B 91 -14.66 22.41 -12.63
C TYR B 91 -15.25 23.78 -12.34
N CYS B 92 -16.12 24.28 -13.24
CA CYS B 92 -16.61 25.66 -13.16
C CYS B 92 -17.42 25.98 -11.91
N GLY B 93 -17.03 27.05 -11.20
CA GLY B 93 -17.83 27.63 -10.14
C GLY B 93 -17.92 26.90 -8.82
N PHE B 94 -16.77 26.52 -8.27
CA PHE B 94 -16.70 25.96 -6.93
C PHE B 94 -16.10 26.97 -5.98
N ASN B 95 -15.88 26.54 -4.74
CA ASN B 95 -15.34 27.43 -3.70
C ASN B 95 -14.21 28.27 -4.25
N TYR B 96 -13.08 27.64 -4.59
CA TYR B 96 -12.00 28.31 -5.31
C TYR B 96 -11.66 29.68 -4.73
N SER B 97 -10.79 29.70 -3.73
CA SER B 97 -9.82 28.64 -3.62
C SER B 97 -8.81 28.88 -2.52
N HIS B 98 -8.18 27.77 -2.16
CA HIS B 98 -6.85 27.73 -1.58
C HIS B 98 -5.95 27.45 -2.77
N LEU B 99 -6.57 27.54 -3.95
CA LEU B 99 -5.93 27.43 -5.25
C LEU B 99 -5.99 28.77 -5.99
N PRO B 100 -5.08 29.70 -5.68
CA PRO B 100 -5.24 31.04 -6.25
C PRO B 100 -5.16 31.06 -7.78
N ASN B 101 -6.17 31.69 -8.41
CA ASN B 101 -6.22 31.80 -9.87
C ASN B 101 -5.89 30.50 -10.60
N LEU B 102 -6.81 29.55 -10.43
CA LEU B 102 -6.81 28.32 -11.17
C LEU B 102 -7.30 28.62 -12.56
N GLU B 103 -8.37 29.41 -12.66
CA GLU B 103 -8.95 29.68 -13.99
C GLU B 103 -7.94 30.24 -15.01
N ARG B 104 -7.22 31.31 -14.67
CA ARG B 104 -6.29 31.87 -15.65
C ARG B 104 -5.28 30.82 -16.06
N ASP B 105 -4.46 30.37 -15.10
CA ASP B 105 -3.42 29.40 -15.39
C ASP B 105 -3.94 28.24 -16.23
N PHE B 106 -5.16 27.79 -15.93
CA PHE B 106 -5.79 26.71 -16.69
C PHE B 106 -5.97 27.16 -18.14
N ASN B 107 -6.65 28.28 -18.34
CA ASN B 107 -6.89 28.82 -19.68
C ASN B 107 -5.62 28.98 -20.53
N VAL B 108 -4.60 29.64 -19.99
CA VAL B 108 -3.25 29.63 -20.56
C VAL B 108 -2.77 28.22 -20.95
N ALA B 109 -2.65 27.34 -19.96
CA ALA B 109 -2.16 25.98 -20.20
C ALA B 109 -2.97 25.26 -21.29
N SER B 110 -4.25 25.60 -21.38
CA SER B 110 -5.19 25.03 -22.33
C SER B 110 -4.92 25.53 -23.76
N ILE B 111 -4.75 26.85 -23.90
CA ILE B 111 -4.46 27.44 -25.20
C ILE B 111 -3.14 26.89 -25.69
N TYR B 112 -2.13 26.89 -24.80
CA TYR B 112 -0.81 26.36 -25.09
C TYR B 112 -0.86 24.92 -25.56
N VAL B 113 -1.51 24.07 -24.78
CA VAL B 113 -1.58 22.68 -25.15
C VAL B 113 -2.23 22.54 -26.52
N ARG B 114 -3.39 23.17 -26.68
CA ARG B 114 -4.18 23.08 -27.92
C ARG B 114 -3.40 23.54 -29.16
N GLU B 115 -2.71 24.67 -29.03
CA GLU B 115 -1.79 25.18 -30.05
C GLU B 115 -0.77 24.10 -30.40
N ASN B 116 -0.09 23.57 -29.39
CA ASN B 116 0.80 22.43 -29.60
C ASN B 116 0.15 21.35 -30.48
N PHE B 117 -1.10 21.00 -30.17
CA PHE B 117 -1.81 19.96 -30.93
C PHE B 117 -1.89 20.34 -32.39
N GLU B 118 -2.43 21.52 -32.64
CA GLU B 118 -2.57 22.02 -34.00
C GLU B 118 -1.23 21.99 -34.75
N LEU B 119 -0.19 22.55 -34.12
CA LEU B 119 1.16 22.53 -34.69
C LEU B 119 1.71 21.12 -34.92
N CYS B 120 1.19 20.12 -34.22
CA CYS B 120 1.59 18.74 -34.51
C CYS B 120 0.82 18.17 -35.67
N THR B 121 -0.43 18.58 -35.80
CA THR B 121 -1.30 18.05 -36.83
C THR B 121 -1.33 18.85 -38.13
N GLU B 122 -0.63 19.97 -38.17
CA GLU B 122 -0.67 20.78 -39.38
C GLU B 122 -0.08 19.99 -40.55
N ASN B 123 1.19 19.60 -40.42
CA ASN B 123 1.92 18.99 -41.53
C ASN B 123 1.27 17.68 -41.93
N LEU B 124 0.25 17.28 -41.18
CA LEU B 124 -0.43 16.01 -41.44
C LEU B 124 -1.92 16.17 -41.73
N ASP B 125 -2.48 15.11 -42.28
CA ASP B 125 -3.85 15.06 -42.77
C ASP B 125 -4.84 15.33 -41.64
N LEU B 126 -6.06 15.67 -42.01
CA LEU B 126 -7.11 15.88 -41.03
C LEU B 126 -8.19 14.80 -40.91
N LYS B 127 -9.21 15.11 -40.15
CA LYS B 127 -10.38 14.25 -40.00
C LYS B 127 -11.60 15.13 -40.13
N ASP B 128 -12.77 14.54 -39.97
CA ASP B 128 -14.03 15.27 -40.08
C ASP B 128 -14.10 16.39 -39.05
N GLU B 164 -11.75 11.51 -32.31
CA GLU B 164 -10.80 10.40 -32.32
C GLU B 164 -10.86 9.56 -31.04
N LYS B 165 -10.69 8.25 -31.21
CA LYS B 165 -10.87 7.27 -30.14
C LYS B 165 -10.14 7.79 -28.92
N GLU B 166 -10.75 7.61 -27.75
CA GLU B 166 -10.23 8.32 -26.59
C GLU B 166 -9.57 7.40 -25.56
N GLU B 167 -8.24 7.42 -25.61
CA GLU B 167 -7.35 6.84 -24.63
C GLU B 167 -6.05 7.65 -24.84
N ASN B 168 -5.31 7.95 -23.76
CA ASN B 168 -4.03 8.67 -23.86
C ASN B 168 -2.95 7.82 -23.21
N SER B 169 -1.70 8.21 -23.41
CA SER B 169 -0.62 7.59 -22.68
C SER B 169 0.38 8.66 -22.35
N LYS B 170 1.14 8.51 -21.26
CA LYS B 170 2.15 9.53 -20.96
C LYS B 170 3.53 8.98 -20.64
N PRO B 171 4.35 8.79 -21.69
CA PRO B 171 5.76 8.61 -21.39
C PRO B 171 6.15 9.81 -20.57
N VAL B 172 7.14 9.64 -19.70
CA VAL B 172 7.61 10.69 -18.86
C VAL B 172 9.14 10.55 -18.87
N THR B 173 9.91 11.57 -18.49
CA THR B 173 9.41 12.87 -17.97
C THR B 173 8.66 13.89 -18.86
N PRO B 174 9.04 14.01 -20.17
CA PRO B 174 8.54 15.16 -20.95
C PRO B 174 7.03 15.31 -20.81
N LYS B 175 6.35 14.23 -20.42
CA LYS B 175 4.89 14.27 -20.39
C LYS B 175 4.44 14.44 -21.81
N VAL B 176 4.98 13.62 -22.68
CA VAL B 176 4.45 13.50 -24.01
C VAL B 176 3.18 12.64 -23.97
N VAL B 177 2.05 13.25 -24.33
CA VAL B 177 0.80 12.54 -24.58
C VAL B 177 0.86 11.80 -25.96
N THR B 178 0.10 10.71 -26.09
CA THR B 178 0.08 9.90 -27.30
C THR B 178 -1.34 9.45 -27.69
N PRO B 179 -2.11 10.32 -28.39
CA PRO B 179 -3.43 9.85 -28.86
C PRO B 179 -3.34 8.97 -30.12
N LYS B 180 -4.50 8.46 -30.54
CA LYS B 180 -4.63 7.74 -31.82
C LYS B 180 -5.96 8.11 -32.47
N GLU B 181 -5.88 8.45 -33.74
CA GLU B 181 -6.94 9.11 -34.51
C GLU B 181 -7.93 8.30 -35.38
N GLU B 182 -8.23 7.05 -35.02
CA GLU B 182 -9.14 6.14 -35.76
C GLU B 182 -8.41 5.38 -36.89
N LYS B 183 -7.24 5.86 -37.31
CA LYS B 183 -6.12 5.00 -37.78
C LYS B 183 -4.77 5.51 -37.27
N LYS B 184 -4.46 6.75 -37.64
CA LYS B 184 -3.17 7.40 -37.43
C LYS B 184 -2.82 7.82 -35.99
N THR B 185 -1.66 7.36 -35.54
CA THR B 185 -1.13 7.66 -34.22
C THR B 185 -0.61 9.09 -34.17
N VAL B 186 -0.95 9.84 -33.13
CA VAL B 186 -0.34 11.16 -32.96
C VAL B 186 0.41 11.25 -31.64
N GLU B 187 1.46 12.04 -31.63
CA GLU B 187 2.28 12.14 -30.43
C GLU B 187 2.77 13.57 -30.15
N MET B 188 2.42 14.12 -28.99
CA MET B 188 2.81 15.51 -28.69
C MET B 188 3.26 15.66 -27.26
N SER B 189 4.34 16.39 -27.06
CA SER B 189 4.98 16.43 -25.75
C SER B 189 4.89 17.81 -25.11
N LEU B 190 4.04 17.95 -24.09
CA LEU B 190 4.01 19.18 -23.29
C LEU B 190 5.32 19.12 -22.52
N LEU B 191 5.62 20.13 -21.73
CA LEU B 191 6.90 20.12 -20.97
C LEU B 191 8.09 19.44 -21.70
N PRO B 192 8.34 19.80 -22.98
CA PRO B 192 9.52 19.31 -23.68
C PRO B 192 10.81 19.88 -23.09
N ILE B 193 10.68 20.95 -22.32
CA ILE B 193 11.81 21.55 -21.61
C ILE B 193 12.47 20.54 -20.69
N LEU B 194 11.79 19.41 -20.47
CA LEU B 194 12.27 18.43 -19.50
C LEU B 194 13.00 17.27 -20.15
N ASN B 195 14.32 17.30 -20.04
CA ASN B 195 15.21 16.36 -20.75
C ASN B 195 15.04 16.35 -22.28
N ARG B 196 15.11 15.16 -22.88
CA ARG B 196 15.29 15.00 -24.33
C ARG B 196 15.93 16.21 -25.01
N LEU B 202 12.33 27.37 -27.59
CA LEU B 202 12.97 28.40 -26.81
C LEU B 202 12.09 29.65 -26.65
N SER B 203 10.92 29.62 -27.30
CA SER B 203 9.95 30.71 -27.24
C SER B 203 9.47 30.96 -25.81
N SER B 204 9.36 32.24 -25.43
CA SER B 204 8.84 32.56 -24.11
C SER B 204 7.32 32.31 -23.99
N GLU B 205 6.61 32.30 -25.11
CA GLU B 205 5.18 31.92 -25.17
C GLU B 205 5.06 30.48 -24.76
N ILE B 206 6.00 29.70 -25.28
CA ILE B 206 6.10 28.28 -24.95
C ILE B 206 6.43 28.11 -23.45
N LEU B 207 7.50 28.74 -22.98
CA LEU B 207 7.83 28.76 -21.55
C LEU B 207 6.66 29.11 -20.65
N GLU B 208 5.81 30.03 -21.11
CA GLU B 208 4.65 30.47 -20.36
C GLU B 208 3.58 29.37 -20.31
N GLY B 209 3.29 28.76 -21.46
CA GLY B 209 2.37 27.63 -21.52
C GLY B 209 2.82 26.46 -20.64
N GLU B 210 4.10 26.15 -20.72
CA GLU B 210 4.68 25.09 -19.91
C GLU B 210 4.48 25.39 -18.43
N ALA B 211 4.99 26.54 -17.98
CA ALA B 211 4.81 26.87 -16.58
C ALA B 211 3.31 26.87 -16.18
N ALA B 212 2.42 27.07 -17.13
CA ALA B 212 0.98 26.98 -16.84
C ALA B 212 0.55 25.55 -16.62
N VAL B 213 0.91 24.65 -17.53
CA VAL B 213 0.54 23.26 -17.29
C VAL B 213 1.15 22.75 -15.99
N VAL B 214 2.43 23.02 -15.75
CA VAL B 214 3.06 22.66 -14.48
C VAL B 214 2.24 23.15 -13.29
N ASN B 215 1.85 24.42 -13.35
CA ASN B 215 0.95 24.97 -12.36
C ASN B 215 -0.35 24.19 -12.20
N VAL B 216 -1.06 23.94 -13.29
CA VAL B 216 -2.33 23.24 -13.14
C VAL B 216 -2.14 21.82 -12.64
N PHE B 217 -1.01 21.20 -12.95
CA PHE B 217 -0.69 19.91 -12.35
C PHE B 217 -0.62 20.08 -10.83
N LYS B 218 0.20 21.00 -10.33
CA LYS B 218 0.27 21.22 -8.88
C LYS B 218 -1.13 21.45 -8.27
N MET B 219 -1.98 22.18 -8.99
CA MET B 219 -3.34 22.43 -8.51
C MET B 219 -4.26 21.20 -8.56
N TYR B 220 -3.98 20.32 -9.50
CA TYR B 220 -4.72 19.07 -9.60
C TYR B 220 -4.36 18.18 -8.43
N ILE B 221 -3.05 17.94 -8.28
CA ILE B 221 -2.58 17.16 -7.14
C ILE B 221 -3.25 17.73 -5.89
N LYS B 222 -3.09 19.04 -5.64
CA LYS B 222 -3.66 19.63 -4.42
C LYS B 222 -5.18 19.52 -4.32
N GLY B 223 -5.86 19.46 -5.46
CA GLY B 223 -7.30 19.28 -5.44
C GLY B 223 -7.56 17.91 -4.84
N PHE B 224 -6.94 16.92 -5.47
CA PHE B 224 -7.02 15.54 -5.04
C PHE B 224 -6.67 15.36 -3.56
N LEU B 225 -5.51 15.84 -3.13
CA LEU B 225 -5.13 15.82 -1.70
C LEU B 225 -6.20 16.41 -0.77
N MET B 226 -6.60 17.65 -1.04
CA MET B 226 -7.60 18.31 -0.20
C MET B 226 -8.90 17.51 -0.11
N TYR B 227 -9.29 16.87 -1.22
CA TYR B 227 -10.57 16.17 -1.31
C TYR B 227 -10.53 14.79 -0.65
N LEU B 228 -9.39 14.15 -0.77
CA LEU B 228 -9.11 12.91 -0.08
C LEU B 228 -9.20 13.18 1.41
N GLY B 229 -8.37 14.11 1.88
CA GLY B 229 -8.32 14.40 3.30
C GLY B 229 -9.69 14.67 3.92
N GLU B 230 -10.63 15.16 3.11
CA GLU B 230 -12.00 15.40 3.58
C GLU B 230 -13.03 14.37 3.20
N ASN B 231 -12.67 13.37 2.40
CA ASN B 231 -13.68 12.39 1.98
C ASN B 231 -13.31 10.92 2.04
N PRO B 232 -13.22 10.41 3.28
CA PRO B 232 -12.89 9.02 3.58
C PRO B 232 -13.91 8.11 2.89
N ASN B 233 -13.43 6.97 2.40
CA ASN B 233 -14.25 6.01 1.68
C ASN B 233 -13.69 4.62 2.01
N SER B 234 -14.59 3.67 2.28
CA SER B 234 -14.19 2.33 2.70
C SER B 234 -13.15 1.68 1.79
N TYR B 235 -13.11 2.09 0.53
CA TYR B 235 -12.13 1.52 -0.41
C TYR B 235 -10.73 2.16 -0.36
N ASP B 236 -10.58 3.26 0.40
CA ASP B 236 -9.28 3.94 0.47
C ASP B 236 -8.13 2.93 0.68
N ARG B 237 -8.35 1.96 1.56
CA ARG B 237 -7.37 0.91 1.85
C ARG B 237 -6.84 0.18 0.59
N GLN B 238 -7.68 0.02 -0.44
CA GLN B 238 -7.29 -0.66 -1.69
C GLN B 238 -6.80 0.25 -2.81
N LEU B 239 -6.73 1.55 -2.55
CA LEU B 239 -6.44 2.51 -3.61
C LEU B 239 -5.09 3.18 -3.41
N ASN B 240 -4.37 3.38 -4.51
CA ASN B 240 -3.15 4.17 -4.43
C ASN B 240 -3.05 5.31 -5.45
N ILE B 241 -1.92 6.00 -5.40
CA ILE B 241 -1.70 7.17 -6.23
C ILE B 241 -0.97 6.87 -7.56
N GLU B 242 -0.77 5.59 -7.89
CA GLU B 242 0.06 5.24 -9.05
C GLU B 242 -0.21 6.04 -10.33
N LYS B 243 -1.48 6.15 -10.70
CA LYS B 243 -1.91 6.87 -11.89
C LYS B 243 -1.68 8.43 -11.85
N TYR B 244 -1.30 8.98 -10.68
CA TYR B 244 -0.96 10.41 -10.58
C TYR B 244 0.55 10.63 -10.85
N ARG B 245 1.31 9.54 -10.81
CA ARG B 245 2.76 9.70 -10.85
C ARG B 245 3.25 10.69 -11.94
N PRO B 246 2.85 10.47 -13.21
CA PRO B 246 3.39 11.36 -14.23
C PRO B 246 3.25 12.86 -13.88
N LEU B 247 2.06 13.33 -13.53
CA LEU B 247 1.97 14.77 -13.22
C LEU B 247 3.02 15.10 -12.15
N LEU B 248 3.01 14.36 -11.04
CA LEU B 248 3.96 14.60 -9.95
C LEU B 248 5.38 14.62 -10.50
N ILE B 249 5.76 13.57 -11.25
CA ILE B 249 7.09 13.53 -11.85
C ILE B 249 7.39 14.82 -12.60
N SER B 250 6.51 15.20 -13.53
CA SER B 250 6.73 16.47 -14.26
C SER B 250 6.88 17.60 -13.24
N ILE B 251 5.90 17.75 -12.36
CA ILE B 251 5.98 18.81 -11.36
C ILE B 251 7.36 18.86 -10.68
N ILE B 252 7.97 17.71 -10.37
CA ILE B 252 9.26 17.85 -9.72
C ILE B 252 10.39 18.09 -10.71
N GLY B 253 10.36 17.40 -11.85
CA GLY B 253 11.37 17.60 -12.87
C GLY B 253 11.49 19.09 -13.19
N TYR B 254 10.35 19.70 -13.55
CA TYR B 254 10.31 21.13 -13.78
C TYR B 254 10.89 21.88 -12.59
N GLU B 255 10.37 21.62 -11.39
CA GLU B 255 10.87 22.31 -10.19
C GLU B 255 12.39 22.28 -10.11
N HIS B 256 12.97 21.18 -10.56
CA HIS B 256 14.39 20.99 -10.46
C HIS B 256 15.05 21.94 -11.45
N LEU B 257 14.61 21.89 -12.70
CA LEU B 257 15.21 22.72 -13.75
C LEU B 257 15.21 24.20 -13.39
N ILE B 258 14.03 24.80 -13.40
CA ILE B 258 13.89 26.21 -13.07
C ILE B 258 14.52 26.50 -11.69
N GLY B 259 14.76 25.46 -10.90
CA GLY B 259 15.50 25.62 -9.66
C GLY B 259 17.01 25.71 -9.77
N THR B 260 17.61 24.75 -10.50
CA THR B 260 19.06 24.73 -10.69
C THR B 260 19.51 25.98 -11.44
N ARG B 261 18.86 26.28 -12.57
CA ARG B 261 19.29 27.44 -13.33
C ARG B 261 18.28 28.60 -13.27
N VAL B 262 18.25 29.27 -12.11
CA VAL B 262 17.23 30.26 -11.68
C VAL B 262 16.57 29.91 -10.33
N LYS B 265 15.20 27.34 -5.23
CA LYS B 265 14.54 26.40 -4.34
C LYS B 265 14.93 24.94 -4.57
N GLU B 266 14.86 24.16 -3.49
CA GLU B 266 14.90 22.69 -3.54
C GLU B 266 13.53 22.12 -3.92
N VAL B 267 13.51 20.94 -4.57
CA VAL B 267 12.26 20.36 -5.07
C VAL B 267 11.34 20.02 -3.91
N ASN B 268 10.02 20.18 -4.12
CA ASN B 268 9.06 20.12 -3.01
C ASN B 268 8.87 18.72 -2.39
N HIS B 269 9.13 18.59 -1.08
CA HIS B 269 9.18 17.26 -0.45
C HIS B 269 7.89 16.43 -0.59
N ILE B 270 6.73 17.06 -0.44
CA ILE B 270 5.49 16.36 -0.69
C ILE B 270 5.34 15.72 -2.10
N PHE B 271 5.47 16.53 -3.14
CA PHE B 271 5.39 16.04 -4.51
C PHE B 271 6.48 15.01 -4.75
N TYR B 272 7.65 15.28 -4.18
CA TYR B 272 8.77 14.35 -4.33
C TYR B 272 8.43 12.99 -3.71
N GLN B 273 7.79 13.01 -2.55
CA GLN B 273 7.43 11.78 -1.86
C GLN B 273 6.37 11.01 -2.62
N LEU B 274 5.25 11.68 -2.89
CA LEU B 274 4.20 11.06 -3.72
C LEU B 274 4.73 10.55 -5.08
N ALA B 275 5.81 11.15 -5.56
CA ALA B 275 6.34 10.76 -6.87
C ALA B 275 7.19 9.51 -6.70
N THR B 276 7.90 9.45 -5.56
CA THR B 276 8.77 8.33 -5.22
C THR B 276 7.97 7.09 -4.88
N PHE B 277 6.99 7.23 -3.97
CA PHE B 277 6.10 6.13 -3.58
C PHE B 277 4.71 6.25 -4.23
N ASP B 278 4.53 5.61 -5.37
CA ASP B 278 3.27 5.75 -6.10
C ASP B 278 2.26 4.75 -5.57
N ASN B 279 2.75 3.90 -4.68
CA ASN B 279 1.98 2.81 -4.12
C ASN B 279 1.27 3.25 -2.85
N TYR B 280 1.50 4.51 -2.46
CA TYR B 280 0.82 5.09 -1.30
C TYR B 280 -0.67 4.83 -1.41
N PRO B 281 -1.21 4.12 -0.43
CA PRO B 281 -2.64 3.82 -0.43
C PRO B 281 -3.39 5.02 0.10
N PHE B 282 -4.66 5.19 -0.26
CA PHE B 282 -5.32 6.48 0.04
C PHE B 282 -5.32 6.80 1.52
N ASP B 283 -5.78 5.84 2.34
CA ASP B 283 -6.01 5.99 3.79
C ASP B 283 -4.79 6.40 4.59
N LEU B 284 -3.72 5.64 4.36
CA LEU B 284 -2.42 5.86 4.96
C LEU B 284 -1.87 7.22 4.52
N LEU B 285 -2.30 7.67 3.34
CA LEU B 285 -1.82 8.93 2.81
C LEU B 285 -2.47 10.03 3.61
N ARG B 286 -3.79 9.95 3.71
CA ARG B 286 -4.55 10.92 4.49
C ARG B 286 -4.02 11.02 5.88
N PHE B 287 -3.59 9.88 6.41
CA PHE B 287 -3.17 9.85 7.81
C PHE B 287 -1.75 10.38 7.97
N GLN B 288 -0.87 9.94 7.07
CA GLN B 288 0.55 10.22 7.19
C GLN B 288 0.97 11.51 6.51
N LEU B 289 0.08 12.11 5.72
CA LEU B 289 0.53 13.23 4.90
C LEU B 289 1.20 14.33 5.69
N SER B 290 0.69 14.58 6.89
CA SER B 290 1.00 15.83 7.58
C SER B 290 1.79 15.64 8.87
N SER B 291 3.05 16.03 8.84
CA SER B 291 3.74 16.21 7.59
C SER B 291 4.51 14.89 7.45
N LEU B 292 5.22 14.79 6.33
CA LEU B 292 6.15 13.71 6.10
C LEU B 292 7.57 14.27 6.25
N ILE B 293 8.57 13.40 6.12
CA ILE B 293 9.97 13.74 6.36
C ILE B 293 10.57 14.63 5.25
N SER B 294 11.52 15.50 5.60
CA SER B 294 12.22 16.32 4.62
C SER B 294 13.31 15.52 3.90
N THR B 295 13.59 15.90 2.65
CA THR B 295 14.53 15.13 1.83
C THR B 295 15.82 14.88 2.60
N PRO B 296 16.26 13.63 2.63
CA PRO B 296 17.54 13.26 3.26
C PRO B 296 18.68 14.11 2.71
N ALA B 297 19.59 14.56 3.57
CA ALA B 297 20.75 15.33 3.10
C ALA B 297 21.50 14.57 2.02
N LEU B 298 21.90 13.34 2.32
CA LEU B 298 22.60 12.50 1.36
C LEU B 298 21.91 12.47 0.00
N ILE B 299 20.59 12.45 0.01
CA ILE B 299 19.85 12.39 -1.23
C ILE B 299 19.91 13.71 -1.99
N ARG B 300 19.96 14.84 -1.27
CA ARG B 300 20.15 16.14 -1.91
C ARG B 300 21.53 16.22 -2.55
N GLU B 301 22.55 15.71 -1.85
CA GLU B 301 23.90 15.63 -2.41
C GLU B 301 23.88 14.86 -3.73
N LYS B 302 23.38 13.63 -3.70
CA LYS B 302 23.29 12.82 -4.93
C LYS B 302 22.40 13.50 -5.99
N ILE B 303 21.50 14.38 -5.56
CA ILE B 303 20.59 15.08 -6.47
C ILE B 303 21.30 16.19 -7.23
N ALA B 304 22.28 16.79 -6.59
CA ALA B 304 23.14 17.76 -7.26
C ALA B 304 24.23 17.05 -8.09
N LYS B 305 25.10 16.30 -7.41
CA LYS B 305 26.23 15.60 -8.06
C LYS B 305 25.80 14.78 -9.29
N GLU B 306 24.57 14.26 -9.27
CA GLU B 306 23.92 13.69 -10.45
C GLU B 306 22.48 14.22 -10.51
N GLY B 307 21.67 13.71 -11.43
CA GLY B 307 20.32 14.24 -11.58
C GLY B 307 19.18 13.42 -10.99
N LEU B 308 17.98 13.95 -11.11
CA LEU B 308 16.75 13.22 -10.79
C LEU B 308 16.53 12.09 -11.79
N PHE B 309 17.24 12.10 -12.90
CA PHE B 309 17.01 11.08 -13.91
C PHE B 309 18.28 10.47 -14.47
N LYS B 310 18.35 9.14 -14.47
CA LYS B 310 19.41 8.46 -15.18
C LYS B 310 18.80 8.04 -16.52
N ILE B 311 19.32 8.58 -17.61
CA ILE B 311 18.81 8.21 -18.92
C ILE B 311 19.64 7.05 -19.44
N ILE B 312 18.98 5.93 -19.71
CA ILE B 312 19.69 4.70 -19.98
C ILE B 312 19.12 3.88 -21.13
N THR B 313 20.00 3.55 -22.08
CA THR B 313 19.75 2.51 -23.08
C THR B 313 21.11 1.96 -23.50
N THR B 324 14.98 4.65 -22.26
CA THR B 324 14.18 4.48 -21.04
C THR B 324 14.79 5.21 -19.83
N VAL B 325 13.95 5.77 -18.97
CA VAL B 325 14.45 6.68 -17.94
C VAL B 325 14.24 6.21 -16.49
N LEU B 326 15.20 6.50 -15.63
CA LEU B 326 15.10 6.18 -14.21
C LEU B 326 14.94 7.40 -13.30
N PHE B 327 14.08 7.24 -12.30
CA PHE B 327 13.83 8.27 -11.29
C PHE B 327 14.59 7.92 -10.01
N ARG B 328 15.04 8.95 -9.29
CA ARG B 328 15.81 8.77 -8.06
C ARG B 328 15.13 9.26 -6.79
N GLY B 329 15.48 8.62 -5.68
CA GLY B 329 15.04 9.03 -4.35
C GLY B 329 13.53 9.02 -4.38
N ILE B 330 12.88 9.63 -3.40
CA ILE B 330 13.50 10.32 -2.27
C ILE B 330 14.19 9.37 -1.30
N ASN B 331 13.97 8.08 -1.50
CA ASN B 331 14.55 7.10 -0.59
C ASN B 331 15.87 6.54 -1.09
N GLY B 332 16.30 6.95 -2.29
CA GLY B 332 17.52 6.44 -2.88
C GLY B 332 17.21 5.31 -3.85
N SER B 333 15.92 5.11 -4.11
CA SER B 333 15.52 4.10 -5.08
C SER B 333 15.67 4.67 -6.47
N GLU B 334 16.07 3.80 -7.39
CA GLU B 334 15.98 4.16 -8.81
C GLU B 334 14.86 3.37 -9.51
N SER B 335 13.75 4.03 -9.78
CA SER B 335 12.57 3.39 -10.37
C SER B 335 12.40 3.73 -11.84
N PHE B 336 12.22 2.71 -12.67
CA PHE B 336 11.85 2.93 -14.07
C PHE B 336 10.50 3.68 -14.13
N LEU B 337 10.39 4.72 -14.95
CA LEU B 337 9.11 5.41 -15.04
C LEU B 337 8.20 4.71 -16.07
N ASN B 338 7.06 4.19 -15.61
CA ASN B 338 6.12 3.46 -16.46
C ASN B 338 5.40 4.36 -17.46
N ILE B 339 4.96 3.78 -18.59
CA ILE B 339 4.03 4.50 -19.44
C ILE B 339 2.65 4.27 -18.82
N LYS B 340 1.86 5.33 -18.63
CA LYS B 340 0.53 5.19 -18.07
C LYS B 340 -0.56 5.50 -19.12
N ARG B 341 -1.69 4.80 -19.05
CA ARG B 341 -2.77 4.89 -20.06
C ARG B 341 -4.05 5.40 -19.47
N TYR B 342 -4.65 6.42 -20.06
CA TYR B 342 -5.86 6.97 -19.50
C TYR B 342 -7.06 6.79 -20.42
N ARG B 343 -8.09 6.13 -19.90
CA ARG B 343 -9.31 5.93 -20.65
C ARG B 343 -10.44 6.53 -19.83
N LYS B 344 -11.66 6.56 -20.36
CA LYS B 344 -12.83 6.77 -19.52
C LYS B 344 -14.04 6.21 -20.23
N PHE B 345 -15.06 5.80 -19.49
CA PHE B 345 -16.33 5.49 -20.15
C PHE B 345 -17.56 6.13 -19.51
N LYS B 346 -18.66 6.05 -20.23
CA LYS B 346 -19.88 6.75 -19.86
C LYS B 346 -20.94 5.67 -19.76
N THR B 347 -21.47 5.42 -18.57
CA THR B 347 -22.47 4.36 -18.49
C THR B 347 -23.46 4.79 -19.54
N ARG B 348 -23.91 3.85 -20.37
CA ARG B 348 -24.49 4.22 -21.65
C ARG B 348 -25.44 5.38 -21.41
N ILE B 349 -25.32 6.44 -22.20
CA ILE B 349 -25.98 7.71 -21.88
C ILE B 349 -27.47 7.46 -21.59
N VAL B 350 -27.94 7.93 -20.44
CA VAL B 350 -29.21 7.45 -19.86
C VAL B 350 -30.39 8.42 -20.00
N GLY B 351 -31.55 8.01 -19.49
CA GLY B 351 -32.73 8.87 -19.37
C GLY B 351 -33.02 9.32 -17.95
N ASN B 352 -33.96 10.26 -17.80
CA ASN B 352 -34.42 10.68 -16.48
C ASN B 352 -35.89 10.34 -16.28
N VAL B 353 -36.25 9.94 -15.06
CA VAL B 353 -37.66 9.72 -14.73
C VAL B 353 -38.27 10.88 -13.97
N ASP B 354 -37.46 11.90 -13.70
CA ASP B 354 -37.84 13.01 -12.82
C ASP B 354 -39.20 13.58 -13.22
N CYS B 355 -39.55 13.44 -14.49
CA CYS B 355 -40.79 13.99 -15.02
C CYS B 355 -41.99 13.07 -15.22
N VAL B 356 -41.91 11.80 -14.79
CA VAL B 356 -42.98 10.84 -15.12
C VAL B 356 -44.19 10.82 -14.20
N ILE B 357 -45.36 10.87 -14.83
CA ILE B 357 -46.63 11.01 -14.15
C ILE B 357 -46.75 10.01 -13.00
N LYS B 358 -47.09 10.53 -11.82
CA LYS B 358 -47.35 9.71 -10.64
C LYS B 358 -48.85 9.49 -10.35
N SER B 359 -49.19 8.30 -9.88
CA SER B 359 -50.59 7.99 -9.62
C SER B 359 -50.80 7.66 -8.14
N ASP B 360 -51.96 8.08 -7.60
CA ASP B 360 -52.29 7.81 -6.20
C ASP B 360 -53.11 6.54 -6.16
N PHE B 361 -52.45 5.47 -5.68
CA PHE B 361 -53.01 4.13 -5.80
C PHE B 361 -53.84 3.63 -4.62
N SER B 362 -53.84 4.37 -3.52
CA SER B 362 -54.75 4.12 -2.38
C SER B 362 -56.21 4.01 -2.80
N SER B 363 -56.66 4.91 -3.67
CA SER B 363 -58.08 4.99 -4.03
C SER B 363 -58.76 3.65 -4.38
N LEU B 364 -58.10 2.76 -5.14
CA LEU B 364 -58.83 1.63 -5.73
C LEU B 364 -59.10 0.43 -4.84
N LYS B 365 -60.11 -0.35 -5.24
CA LYS B 365 -60.63 -1.40 -4.39
C LYS B 365 -59.97 -2.76 -4.67
N LEU B 366 -59.09 -3.12 -3.76
CA LEU B 366 -58.53 -4.46 -3.63
C LEU B 366 -59.08 -5.27 -2.42
N ASP B 367 -60.00 -4.66 -1.64
CA ASP B 367 -60.41 -5.18 -0.31
C ASP B 367 -59.69 -4.46 0.85
#